data_1KU2
#
_entry.id   1KU2
#
_cell.length_a   104.186
_cell.length_b   104.186
_cell.length_c   169.181
_cell.angle_alpha   90.00
_cell.angle_beta   90.00
_cell.angle_gamma   120.00
#
_symmetry.space_group_name_H-M   'P 65'
#
loop_
_entity.id
_entity.type
_entity.pdbx_description
1 polymer 'sigma factor sigA'
2 non-polymer 'SULFATE ION'
#
_entity_poly.entity_id   1
_entity_poly.type   'polypeptide(L)'
_entity_poly.pdbx_seq_one_letter_code
;TSDPVRQYLHEIGQVPLLTLEEEIDLARKVEEGMEAIKKLSEATGLDQELIREVVRAKILGTARIQKIPGLKEKPDPKTV
EEVDGKLKSLPKELKRYLHIAREGEAARQHLIEANLRLVVSIAKKYTGRGLSFLDLIQEGNQGLIRAVEKFEYKRRFKFS
TYATWWIRQAINRAIADQARTIRIPVHMVETINKLSRTARQLQQELGREPSYEEIAEAMGPGWDAKRVEETLKIAQEPVS
L
;
_entity_poly.pdbx_strand_id   A,B
#
loop_
_chem_comp.id
_chem_comp.type
_chem_comp.name
_chem_comp.formula
SO4 non-polymer 'SULFATE ION' 'O4 S -2'
#
# COMPACT_ATOMS: atom_id res chain seq x y z
N SER A 2 15.16 8.33 24.87
CA SER A 2 15.88 9.48 25.47
C SER A 2 16.85 10.11 24.46
N ASP A 3 17.97 10.65 24.96
CA ASP A 3 19.01 11.27 24.13
C ASP A 3 18.49 12.19 23.01
N PRO A 4 19.24 12.34 21.89
CA PRO A 4 18.72 13.21 20.83
C PRO A 4 17.42 12.67 20.21
N VAL A 5 17.09 11.42 20.52
CA VAL A 5 15.86 10.82 20.02
C VAL A 5 14.72 11.71 20.47
N ARG A 6 14.81 12.22 21.70
CA ARG A 6 13.77 13.09 22.20
C ARG A 6 13.90 14.41 21.46
N GLN A 7 15.11 14.70 20.99
CA GLN A 7 15.37 15.93 20.23
C GLN A 7 14.67 15.79 18.90
N TYR A 8 14.93 14.66 18.25
CA TYR A 8 14.35 14.33 16.95
C TYR A 8 12.84 14.47 17.08
N LEU A 9 12.25 13.72 18.01
CA LEU A 9 10.81 13.76 18.22
C LEU A 9 10.33 15.18 18.45
N HIS A 10 11.12 15.95 19.19
CA HIS A 10 10.76 17.33 19.47
C HIS A 10 10.73 18.13 18.18
N GLU A 11 11.84 18.08 17.45
CA GLU A 11 11.95 18.81 16.20
C GLU A 11 10.84 18.51 15.20
N ILE A 12 10.70 17.23 14.84
CA ILE A 12 9.69 16.80 13.87
C ILE A 12 8.26 17.11 14.32
N GLY A 13 8.03 17.11 15.62
CA GLY A 13 6.70 17.39 16.15
C GLY A 13 6.26 18.79 15.73
N GLN A 14 7.15 19.48 15.03
CA GLN A 14 6.89 20.82 14.55
C GLN A 14 6.28 20.84 13.16
N VAL A 15 6.70 19.90 12.31
CA VAL A 15 6.17 19.84 10.95
C VAL A 15 4.67 19.68 11.00
N PRO A 16 3.96 20.46 10.18
CA PRO A 16 2.49 20.44 10.11
C PRO A 16 2.03 19.21 9.36
N LEU A 17 0.73 18.93 9.44
CA LEU A 17 0.16 17.80 8.72
C LEU A 17 -0.33 18.30 7.38
N LEU A 18 -0.46 17.35 6.45
CA LEU A 18 -0.94 17.67 5.13
C LEU A 18 -2.42 17.27 4.98
N THR A 19 -3.07 17.82 3.97
CA THR A 19 -4.46 17.51 3.68
C THR A 19 -4.33 16.65 2.43
N LEU A 20 -5.35 15.86 2.10
CA LEU A 20 -5.23 15.01 0.90
C LEU A 20 -4.78 15.86 -0.28
N GLU A 21 -5.31 17.08 -0.34
CA GLU A 21 -5.00 18.00 -1.41
C GLU A 21 -3.52 18.38 -1.49
N GLU A 22 -2.90 18.70 -0.34
CA GLU A 22 -1.49 19.07 -0.28
C GLU A 22 -0.63 17.84 -0.61
N GLU A 23 -0.93 16.72 0.05
CA GLU A 23 -0.23 15.46 -0.21
C GLU A 23 -0.16 15.22 -1.69
N ILE A 24 -1.30 15.34 -2.37
CA ILE A 24 -1.33 15.10 -3.80
C ILE A 24 -0.64 16.13 -4.69
N ASP A 25 -0.66 17.40 -4.30
CA ASP A 25 0.02 18.41 -5.11
C ASP A 25 1.54 18.23 -5.00
N LEU A 26 2.00 17.89 -3.80
CA LEU A 26 3.41 17.66 -3.58
C LEU A 26 3.84 16.44 -4.38
N ALA A 27 3.01 15.41 -4.31
CA ALA A 27 3.26 14.17 -5.02
C ALA A 27 3.45 14.44 -6.49
N ARG A 28 2.53 15.20 -7.07
CA ARG A 28 2.57 15.53 -8.49
C ARG A 28 3.88 16.27 -8.82
N LYS A 29 4.29 17.18 -7.94
CA LYS A 29 5.52 17.90 -8.18
C LYS A 29 6.74 16.96 -8.16
N VAL A 30 6.66 15.91 -7.36
CA VAL A 30 7.76 14.97 -7.30
C VAL A 30 7.88 14.25 -8.64
N GLU A 31 6.76 13.79 -9.18
CA GLU A 31 6.77 13.07 -10.45
C GLU A 31 7.29 13.96 -11.56
N GLU A 32 6.76 15.17 -11.63
CA GLU A 32 7.18 16.13 -12.65
C GLU A 32 8.68 16.39 -12.49
N GLY A 33 9.14 16.40 -11.25
CA GLY A 33 10.55 16.60 -10.97
C GLY A 33 11.36 15.46 -11.56
N MET A 34 10.97 14.22 -11.27
CA MET A 34 11.66 13.04 -11.79
C MET A 34 11.69 13.16 -13.31
N GLU A 35 10.52 13.46 -13.86
CA GLU A 35 10.33 13.63 -15.30
C GLU A 35 11.39 14.58 -15.88
N ALA A 36 11.60 15.69 -15.19
CA ALA A 36 12.57 16.70 -15.61
C ALA A 36 13.98 16.12 -15.51
N ILE A 37 14.35 15.62 -14.34
CA ILE A 37 15.66 15.05 -14.16
C ILE A 37 16.00 14.12 -15.32
N LYS A 38 14.99 13.45 -15.87
CA LYS A 38 15.24 12.55 -17.00
C LYS A 38 15.80 13.38 -18.15
N LYS A 39 15.11 14.47 -18.49
CA LYS A 39 15.53 15.36 -19.57
C LYS A 39 16.96 15.84 -19.34
N LEU A 40 17.27 16.29 -18.12
CA LEU A 40 18.62 16.75 -17.80
C LEU A 40 19.64 15.68 -18.13
N SER A 41 19.50 14.51 -17.52
CA SER A 41 20.41 13.40 -17.77
C SER A 41 20.48 13.13 -19.28
N GLU A 42 19.31 13.05 -19.90
CA GLU A 42 19.20 12.79 -21.33
C GLU A 42 19.55 14.02 -22.18
N ALA A 43 20.59 14.74 -21.78
CA ALA A 43 21.02 15.94 -22.51
C ALA A 43 22.31 16.39 -21.89
N THR A 44 22.71 15.67 -20.84
CA THR A 44 23.93 16.00 -20.12
C THR A 44 24.72 14.71 -19.90
N GLY A 45 24.03 13.57 -20.03
CA GLY A 45 24.65 12.27 -19.84
C GLY A 45 25.10 12.04 -18.42
N LEU A 46 24.52 12.79 -17.49
CA LEU A 46 24.89 12.68 -16.09
C LEU A 46 24.23 11.60 -15.25
N ASP A 47 23.41 10.73 -15.85
CA ASP A 47 22.77 9.66 -15.08
C ASP A 47 21.79 10.20 -14.01
N GLN A 48 20.52 9.81 -14.15
CA GLN A 48 19.45 10.26 -13.27
C GLN A 48 19.67 10.21 -11.76
N GLU A 49 20.08 9.06 -11.23
CA GLU A 49 20.30 8.91 -9.80
C GLU A 49 21.23 9.98 -9.23
N LEU A 50 22.30 10.28 -9.96
CA LEU A 50 23.26 11.28 -9.52
C LEU A 50 22.66 12.66 -9.48
N ILE A 51 22.12 13.09 -10.62
CA ILE A 51 21.51 14.41 -10.71
C ILE A 51 20.57 14.66 -9.53
N ARG A 52 19.75 13.67 -9.19
CA ARG A 52 18.80 13.82 -8.09
C ARG A 52 19.45 13.94 -6.72
N GLU A 53 20.45 13.09 -6.46
CA GLU A 53 21.17 13.13 -5.19
C GLU A 53 21.70 14.52 -4.92
N VAL A 54 22.27 15.12 -5.96
CA VAL A 54 22.83 16.45 -5.85
C VAL A 54 21.72 17.47 -5.65
N VAL A 55 20.72 17.44 -6.54
CA VAL A 55 19.61 18.37 -6.41
C VAL A 55 19.06 18.24 -4.98
N ARG A 56 18.82 17.01 -4.55
CA ARG A 56 18.30 16.74 -3.21
C ARG A 56 19.17 17.41 -2.15
N ALA A 57 20.46 17.12 -2.17
CA ALA A 57 21.41 17.68 -1.22
C ALA A 57 21.23 19.20 -1.13
N LYS A 58 21.24 19.86 -2.26
CA LYS A 58 21.07 21.31 -2.31
C LYS A 58 19.80 21.76 -1.58
N ILE A 59 18.82 20.85 -1.45
CA ILE A 59 17.58 21.21 -0.77
C ILE A 59 17.67 20.94 0.72
N LEU A 60 18.45 19.93 1.11
CA LEU A 60 18.64 19.62 2.52
C LEU A 60 19.18 20.87 3.22
N GLY A 61 19.77 21.77 2.43
CA GLY A 61 20.33 23.00 2.97
C GLY A 61 19.30 23.83 3.70
N THR A 62 18.14 24.02 3.08
CA THR A 62 17.07 24.80 3.68
C THR A 62 16.11 23.90 4.43
N ALA A 63 16.29 22.59 4.26
CA ALA A 63 15.44 21.59 4.89
C ALA A 63 15.10 21.90 6.34
N ARG A 64 13.81 21.89 6.64
CA ARG A 64 13.32 22.16 7.99
C ARG A 64 13.89 21.12 8.94
N ILE A 65 14.27 19.99 8.38
CA ILE A 65 14.87 18.87 9.11
C ILE A 65 15.91 18.32 8.12
N GLN A 66 17.18 18.53 8.43
CA GLN A 66 18.26 18.14 7.52
C GLN A 66 18.96 16.81 7.78
N LYS A 67 19.01 16.39 9.03
CA LYS A 67 19.66 15.13 9.36
C LYS A 67 18.65 14.07 9.76
N ILE A 68 17.96 13.48 8.79
CA ILE A 68 16.97 12.44 9.09
C ILE A 68 17.65 11.06 9.19
N PRO A 69 17.56 10.41 10.35
CA PRO A 69 18.17 9.10 10.55
C PRO A 69 17.81 8.05 9.51
N GLY A 70 18.76 7.17 9.22
CA GLY A 70 18.56 6.10 8.27
C GLY A 70 18.76 6.48 6.81
N LEU A 71 18.65 7.76 6.50
CA LEU A 71 18.82 8.21 5.13
C LEU A 71 20.25 8.62 4.81
N LYS A 72 20.78 8.11 3.70
CA LYS A 72 22.13 8.46 3.27
C LYS A 72 22.13 9.96 3.00
N GLU A 73 23.16 10.66 3.47
CA GLU A 73 23.23 12.11 3.26
C GLU A 73 24.01 12.51 2.01
N LYS A 74 24.98 13.41 2.18
CA LYS A 74 25.82 13.92 1.10
C LYS A 74 26.22 12.86 0.08
N PRO A 75 25.93 13.11 -1.20
CA PRO A 75 26.24 12.20 -2.32
C PRO A 75 27.73 12.02 -2.57
N ASP A 76 28.53 12.26 -1.53
CA ASP A 76 29.99 12.15 -1.60
C ASP A 76 30.54 13.47 -2.16
N PRO A 77 31.18 14.29 -1.29
CA PRO A 77 31.77 15.60 -1.65
C PRO A 77 32.64 15.66 -2.91
N LYS A 78 32.91 14.52 -3.53
CA LYS A 78 33.71 14.49 -4.74
C LYS A 78 32.81 14.63 -5.97
N THR A 79 31.78 13.80 -6.02
CA THR A 79 30.84 13.80 -7.13
C THR A 79 29.95 15.03 -7.09
N VAL A 80 29.51 15.43 -5.89
CA VAL A 80 28.66 16.60 -5.76
C VAL A 80 29.44 17.82 -6.22
N GLU A 81 30.74 17.80 -5.92
CA GLU A 81 31.66 18.87 -6.28
C GLU A 81 32.17 18.72 -7.72
N GLU A 82 31.21 18.59 -8.64
CA GLU A 82 31.48 18.44 -10.07
C GLU A 82 30.15 18.33 -10.80
N VAL A 83 29.31 17.40 -10.35
CA VAL A 83 27.99 17.18 -10.94
C VAL A 83 27.19 18.45 -10.76
N ASP A 84 27.46 19.19 -9.70
CA ASP A 84 26.75 20.42 -9.46
C ASP A 84 27.43 21.49 -10.29
N GLY A 85 28.63 21.18 -10.77
CA GLY A 85 29.35 22.12 -11.61
C GLY A 85 28.67 22.24 -12.95
N LYS A 86 28.35 21.09 -13.55
CA LYS A 86 27.68 21.07 -14.85
C LYS A 86 26.27 21.67 -14.79
N LEU A 87 25.48 21.27 -13.80
CA LEU A 87 24.11 21.77 -13.65
C LEU A 87 24.03 23.29 -13.63
N LYS A 88 25.03 23.91 -13.02
CA LYS A 88 25.08 25.36 -12.90
C LYS A 88 25.08 26.07 -14.25
N SER A 89 26.04 25.71 -15.09
CA SER A 89 26.16 26.29 -16.42
C SER A 89 25.37 25.49 -17.45
N LEU A 90 24.12 25.87 -17.64
CA LEU A 90 23.29 25.17 -18.61
C LEU A 90 22.49 26.14 -19.44
N PRO A 91 22.39 25.88 -20.75
CA PRO A 91 21.64 26.76 -21.64
C PRO A 91 20.27 27.10 -21.03
N LYS A 92 19.69 28.22 -21.47
CA LYS A 92 18.40 28.65 -20.95
C LYS A 92 17.36 27.55 -20.93
N GLU A 93 17.22 26.87 -22.06
CA GLU A 93 16.22 25.80 -22.18
C GLU A 93 16.28 24.76 -21.06
N LEU A 94 17.46 24.19 -20.85
CA LEU A 94 17.65 23.18 -19.82
C LEU A 94 17.70 23.77 -18.42
N LYS A 95 17.55 25.09 -18.32
CA LYS A 95 17.59 25.76 -17.03
C LYS A 95 16.26 25.59 -16.32
N ARG A 96 15.19 25.41 -17.09
CA ARG A 96 13.88 25.24 -16.49
C ARG A 96 13.69 23.80 -16.00
N TYR A 97 14.19 22.83 -16.77
CA TYR A 97 14.08 21.44 -16.38
C TYR A 97 14.75 21.29 -15.01
N LEU A 98 15.84 22.02 -14.81
CA LEU A 98 16.56 21.97 -13.54
C LEU A 98 15.76 22.68 -12.47
N HIS A 99 14.88 23.60 -12.86
CA HIS A 99 14.07 24.31 -11.87
C HIS A 99 12.98 23.36 -11.37
N ILE A 100 12.30 22.70 -12.30
CA ILE A 100 11.25 21.74 -11.98
C ILE A 100 11.84 20.61 -11.13
N ALA A 101 13.12 20.36 -11.30
CA ALA A 101 13.81 19.33 -10.54
C ALA A 101 14.00 19.82 -9.10
N ARG A 102 14.57 21.01 -8.94
CA ARG A 102 14.79 21.56 -7.60
C ARG A 102 13.46 21.75 -6.87
N GLU A 103 12.43 22.11 -7.61
CA GLU A 103 11.12 22.36 -7.00
C GLU A 103 10.41 21.06 -6.64
N GLY A 104 10.65 20.02 -7.44
CA GLY A 104 10.04 18.73 -7.18
C GLY A 104 10.72 18.00 -6.05
N GLU A 105 12.02 18.22 -5.90
CA GLU A 105 12.77 17.55 -4.85
C GLU A 105 12.55 18.19 -3.49
N ALA A 106 12.19 19.48 -3.51
CA ALA A 106 11.90 20.22 -2.28
C ALA A 106 10.55 19.73 -1.83
N ALA A 107 9.74 19.36 -2.81
CA ALA A 107 8.40 18.85 -2.55
C ALA A 107 8.57 17.50 -1.91
N ARG A 108 9.39 16.65 -2.54
CA ARG A 108 9.62 15.35 -1.98
C ARG A 108 10.04 15.47 -0.52
N GLN A 109 10.81 16.50 -0.20
CA GLN A 109 11.25 16.69 1.18
C GLN A 109 10.08 17.03 2.12
N HIS A 110 9.19 17.91 1.66
CA HIS A 110 8.03 18.33 2.45
C HIS A 110 7.14 17.14 2.80
N LEU A 111 6.92 16.28 1.80
CA LEU A 111 6.10 15.09 1.96
C LEU A 111 6.73 14.18 3.02
N ILE A 112 8.01 13.87 2.86
CA ILE A 112 8.72 13.02 3.81
C ILE A 112 8.63 13.58 5.22
N GLU A 113 8.77 14.90 5.33
CA GLU A 113 8.75 15.59 6.61
C GLU A 113 7.40 15.54 7.34
N ALA A 114 6.30 15.65 6.59
CA ALA A 114 4.96 15.64 7.16
C ALA A 114 4.54 14.25 7.65
N ASN A 115 5.43 13.28 7.44
CA ASN A 115 5.16 11.90 7.85
C ASN A 115 6.24 11.28 8.71
N LEU A 116 7.15 12.09 9.26
CA LEU A 116 8.20 11.52 10.10
C LEU A 116 7.62 11.06 11.41
N ARG A 117 6.54 11.72 11.86
CA ARG A 117 5.87 11.36 13.11
C ARG A 117 5.18 10.01 12.92
N LEU A 118 4.58 9.82 11.74
CA LEU A 118 3.92 8.55 11.43
C LEU A 118 4.93 7.42 11.63
N VAL A 119 6.15 7.61 11.09
CA VAL A 119 7.20 6.61 11.19
C VAL A 119 7.56 6.29 12.65
N VAL A 120 7.75 7.33 13.47
CA VAL A 120 8.09 7.13 14.87
C VAL A 120 6.97 6.33 15.56
N SER A 121 5.72 6.78 15.39
CA SER A 121 4.58 6.09 15.98
C SER A 121 4.59 4.62 15.63
N ILE A 122 4.76 4.33 14.34
CA ILE A 122 4.79 2.95 13.88
C ILE A 122 5.96 2.22 14.54
N ALA A 123 7.12 2.86 14.62
CA ALA A 123 8.29 2.24 15.22
C ALA A 123 8.08 1.88 16.70
N LYS A 124 7.34 2.72 17.43
CA LYS A 124 7.06 2.43 18.83
C LYS A 124 6.27 1.13 18.93
N LYS A 125 5.63 0.75 17.83
CA LYS A 125 4.83 -0.48 17.78
C LYS A 125 5.68 -1.69 17.43
N TYR A 126 6.97 -1.48 17.16
CA TYR A 126 7.86 -2.59 16.83
C TYR A 126 9.02 -2.66 17.84
N THR A 127 8.82 -2.00 18.96
CA THR A 127 9.76 -1.97 20.07
C THR A 127 10.03 -3.36 20.62
N GLY A 128 11.16 -3.49 21.31
CA GLY A 128 11.54 -4.76 21.94
C GLY A 128 11.40 -6.03 21.11
N ARG A 129 11.88 -5.99 19.87
CA ARG A 129 11.79 -7.15 19.00
C ARG A 129 13.03 -7.32 18.16
N GLY A 130 14.16 -6.81 18.66
CA GLY A 130 15.40 -6.96 17.92
C GLY A 130 16.23 -5.71 17.68
N LEU A 131 15.57 -4.59 17.41
CA LEU A 131 16.27 -3.34 17.13
C LEU A 131 15.96 -2.27 18.17
N SER A 132 16.83 -1.29 18.27
CA SER A 132 16.63 -0.21 19.23
C SER A 132 15.61 0.79 18.67
N PHE A 133 15.03 1.62 19.53
CA PHE A 133 14.06 2.60 19.08
C PHE A 133 14.69 3.38 17.92
N LEU A 134 15.92 3.85 18.12
CA LEU A 134 16.61 4.62 17.09
C LEU A 134 16.78 3.81 15.82
N ASP A 135 17.16 2.55 15.94
CA ASP A 135 17.32 1.72 14.76
C ASP A 135 16.03 1.58 13.98
N LEU A 136 14.92 1.36 14.68
CA LEU A 136 13.61 1.21 14.05
C LEU A 136 13.28 2.47 13.29
N ILE A 137 13.43 3.62 13.92
CA ILE A 137 13.16 4.87 13.26
C ILE A 137 13.93 5.00 11.94
N GLN A 138 15.19 4.56 11.94
CA GLN A 138 16.00 4.65 10.73
C GLN A 138 15.48 3.74 9.64
N GLU A 139 15.08 2.51 10.00
CA GLU A 139 14.56 1.59 9.00
C GLU A 139 13.23 2.12 8.47
N GLY A 140 12.39 2.54 9.41
CA GLY A 140 11.09 3.08 9.07
C GLY A 140 11.22 4.25 8.11
N ASN A 141 12.09 5.20 8.41
CA ASN A 141 12.28 6.35 7.53
C ASN A 141 12.65 5.90 6.12
N GLN A 142 13.47 4.85 6.00
CA GLN A 142 13.84 4.39 4.67
C GLN A 142 12.60 3.89 3.94
N GLY A 143 11.70 3.25 4.68
CA GLY A 143 10.48 2.74 4.09
C GLY A 143 9.63 3.90 3.59
N LEU A 144 9.60 4.97 4.37
CA LEU A 144 8.84 6.17 4.01
C LEU A 144 9.36 6.69 2.68
N ILE A 145 10.69 6.78 2.54
CA ILE A 145 11.31 7.27 1.33
C ILE A 145 10.88 6.39 0.16
N ARG A 146 10.93 5.09 0.37
CA ARG A 146 10.54 4.14 -0.66
C ARG A 146 9.06 4.31 -1.09
N ALA A 147 8.21 4.68 -0.13
CA ALA A 147 6.80 4.85 -0.42
C ALA A 147 6.59 6.07 -1.28
N VAL A 148 7.36 7.12 -1.00
CA VAL A 148 7.25 8.33 -1.79
C VAL A 148 7.67 8.01 -3.22
N GLU A 149 8.58 7.06 -3.37
CA GLU A 149 9.05 6.68 -4.70
C GLU A 149 8.07 5.76 -5.41
N LYS A 150 7.14 5.14 -4.67
CA LYS A 150 6.18 4.21 -5.25
C LYS A 150 4.76 4.78 -5.36
N PHE A 151 4.46 5.78 -4.55
CA PHE A 151 3.13 6.41 -4.53
C PHE A 151 2.70 6.86 -5.91
N GLU A 152 1.39 6.83 -6.15
CA GLU A 152 0.81 7.25 -7.43
C GLU A 152 -0.18 8.37 -7.18
N TYR A 153 0.27 9.62 -7.30
CA TYR A 153 -0.59 10.77 -7.04
C TYR A 153 -1.90 10.78 -7.83
N LYS A 154 -1.88 10.23 -9.04
CA LYS A 154 -3.10 10.24 -9.84
C LYS A 154 -4.25 9.46 -9.23
N ARG A 155 -3.96 8.60 -8.26
CA ARG A 155 -5.01 7.81 -7.64
C ARG A 155 -5.83 8.66 -6.66
N ARG A 156 -5.26 9.81 -6.29
CA ARG A 156 -5.90 10.76 -5.37
C ARG A 156 -6.48 10.18 -4.10
N PHE A 157 -5.76 9.25 -3.49
CA PHE A 157 -6.20 8.63 -2.25
C PHE A 157 -5.07 8.86 -1.24
N LYS A 158 -5.38 8.98 0.05
CA LYS A 158 -4.35 9.26 1.07
C LYS A 158 -3.01 8.57 0.97
N PHE A 159 -1.97 9.36 1.21
CA PHE A 159 -0.59 8.90 1.17
C PHE A 159 -0.17 8.19 2.45
N SER A 160 -0.51 8.76 3.60
CA SER A 160 -0.12 8.15 4.86
C SER A 160 -0.45 6.67 4.98
N THR A 161 -1.70 6.31 4.71
CA THR A 161 -2.07 4.90 4.78
C THR A 161 -1.18 4.09 3.86
N TYR A 162 -1.04 4.55 2.61
CA TYR A 162 -0.20 3.84 1.66
C TYR A 162 1.22 3.69 2.21
N ALA A 163 1.81 4.82 2.61
CA ALA A 163 3.17 4.82 3.16
C ALA A 163 3.31 3.84 4.35
N THR A 164 2.31 3.79 5.21
CA THR A 164 2.34 2.92 6.37
C THR A 164 2.78 1.49 6.02
N TRP A 165 2.25 0.95 4.94
CA TRP A 165 2.65 -0.41 4.57
C TRP A 165 4.17 -0.49 4.35
N TRP A 166 4.69 0.44 3.56
CA TRP A 166 6.10 0.49 3.24
C TRP A 166 6.98 0.74 4.47
N ILE A 167 6.55 1.65 5.34
CA ILE A 167 7.30 1.95 6.55
C ILE A 167 7.41 0.67 7.35
N ARG A 168 6.31 -0.06 7.46
CA ARG A 168 6.32 -1.31 8.20
C ARG A 168 7.11 -2.41 7.52
N GLN A 169 6.97 -2.58 6.21
CA GLN A 169 7.67 -3.66 5.54
C GLN A 169 9.18 -3.54 5.74
N ALA A 170 9.66 -2.30 5.75
CA ALA A 170 11.08 -2.03 5.96
C ALA A 170 11.49 -2.45 7.37
N ILE A 171 10.68 -2.08 8.37
CA ILE A 171 10.99 -2.45 9.76
C ILE A 171 10.86 -3.95 9.97
N ASN A 172 9.80 -4.53 9.41
CA ASN A 172 9.55 -5.96 9.52
C ASN A 172 10.74 -6.73 8.96
N ARG A 173 11.32 -6.23 7.88
CA ARG A 173 12.47 -6.88 7.24
C ARG A 173 13.73 -6.82 8.08
N ALA A 174 13.91 -5.70 8.78
CA ALA A 174 15.09 -5.47 9.59
C ALA A 174 15.13 -6.34 10.83
N ILE A 175 13.98 -6.50 11.48
CA ILE A 175 13.94 -7.32 12.69
C ILE A 175 13.89 -8.79 12.33
N ALA A 176 13.55 -9.11 11.09
CA ALA A 176 13.46 -10.49 10.68
C ALA A 176 14.82 -10.97 10.21
N ASP A 177 15.76 -10.04 10.13
CA ASP A 177 17.10 -10.39 9.67
C ASP A 177 17.94 -11.01 10.75
N GLN A 178 17.77 -10.52 11.97
CA GLN A 178 18.50 -11.05 13.09
C GLN A 178 17.75 -12.21 13.74
N ALA A 179 17.95 -13.41 13.21
CA ALA A 179 17.27 -14.57 13.73
C ALA A 179 18.11 -15.82 13.53
N ARG A 180 17.90 -16.80 14.39
CA ARG A 180 18.61 -18.07 14.30
C ARG A 180 17.54 -19.13 14.40
N THR A 181 17.75 -20.28 13.77
CA THR A 181 16.75 -21.33 13.84
C THR A 181 17.11 -22.26 14.98
N ILE A 182 16.26 -22.29 16.00
CA ILE A 182 16.47 -23.14 17.17
C ILE A 182 15.30 -24.12 17.26
N ARG A 183 15.26 -24.88 18.35
CA ARG A 183 14.19 -25.84 18.55
C ARG A 183 13.09 -25.30 19.45
N ILE A 184 11.85 -25.46 19.02
CA ILE A 184 10.70 -25.01 19.78
C ILE A 184 9.72 -26.17 19.89
N PRO A 185 9.07 -26.32 21.05
CA PRO A 185 8.12 -27.42 21.18
C PRO A 185 6.87 -27.24 20.32
N VAL A 186 6.41 -28.34 19.72
CA VAL A 186 5.22 -28.32 18.88
C VAL A 186 4.05 -27.45 19.40
N HIS A 187 3.64 -27.61 20.66
CA HIS A 187 2.52 -26.81 21.15
C HIS A 187 2.71 -25.29 21.00
N MET A 188 3.96 -24.85 20.99
CA MET A 188 4.28 -23.43 20.83
C MET A 188 4.14 -23.10 19.34
N VAL A 189 4.72 -23.95 18.50
CA VAL A 189 4.62 -23.79 17.06
C VAL A 189 3.14 -23.77 16.68
N GLU A 190 2.33 -24.57 17.37
CA GLU A 190 0.89 -24.64 17.11
C GLU A 190 0.15 -23.34 17.41
N THR A 191 0.41 -22.75 18.58
CA THR A 191 -0.27 -21.51 18.95
C THR A 191 0.22 -20.29 18.16
N ILE A 192 1.48 -20.32 17.73
CA ILE A 192 1.98 -19.22 16.92
C ILE A 192 1.16 -19.26 15.63
N ASN A 193 1.10 -20.44 15.01
CA ASN A 193 0.35 -20.64 13.78
C ASN A 193 -1.12 -20.30 13.96
N LYS A 194 -1.62 -20.45 15.19
CA LYS A 194 -3.01 -20.15 15.46
C LYS A 194 -3.24 -18.66 15.68
N LEU A 195 -2.26 -17.99 16.24
CA LEU A 195 -2.37 -16.56 16.46
C LEU A 195 -2.38 -15.95 15.05
N SER A 196 -1.45 -16.40 14.23
CA SER A 196 -1.34 -15.93 12.86
C SER A 196 -2.62 -16.08 12.01
N ARG A 197 -3.23 -17.26 12.02
CA ARG A 197 -4.46 -17.52 11.28
C ARG A 197 -5.61 -16.68 11.82
N THR A 198 -5.70 -16.59 13.15
CA THR A 198 -6.75 -15.82 13.80
C THR A 198 -6.70 -14.36 13.38
N ALA A 199 -5.50 -13.78 13.42
CA ALA A 199 -5.33 -12.38 13.07
C ALA A 199 -5.68 -12.13 11.60
N ARG A 200 -5.26 -13.03 10.73
CA ARG A 200 -5.55 -12.87 9.30
C ARG A 200 -7.03 -13.00 8.99
N GLN A 201 -7.68 -13.88 9.74
CA GLN A 201 -9.10 -14.14 9.62
C GLN A 201 -9.89 -12.95 10.12
N LEU A 202 -9.46 -12.38 11.23
CA LEU A 202 -10.14 -11.20 11.78
C LEU A 202 -10.03 -10.03 10.81
N GLN A 203 -8.93 -9.99 10.06
CA GLN A 203 -8.71 -8.93 9.09
C GLN A 203 -9.71 -9.01 7.94
N GLN A 204 -9.93 -10.21 7.40
CA GLN A 204 -10.87 -10.38 6.30
C GLN A 204 -12.28 -9.93 6.71
N GLU A 205 -12.54 -9.86 8.01
CA GLU A 205 -13.84 -9.44 8.50
C GLU A 205 -13.92 -7.96 8.87
N LEU A 206 -12.83 -7.41 9.39
CA LEU A 206 -12.83 -6.03 9.80
C LEU A 206 -12.37 -5.06 8.73
N GLY A 207 -11.80 -5.57 7.65
CA GLY A 207 -11.32 -4.66 6.61
C GLY A 207 -10.14 -3.82 7.10
N ARG A 208 -9.45 -4.35 8.11
CA ARG A 208 -8.29 -3.71 8.73
C ARG A 208 -7.64 -4.75 9.63
N GLU A 209 -6.39 -4.52 10.04
CA GLU A 209 -5.72 -5.47 10.93
C GLU A 209 -6.30 -5.36 12.34
N PRO A 210 -6.58 -6.50 12.97
CA PRO A 210 -7.15 -6.54 14.33
C PRO A 210 -6.18 -6.05 15.39
N SER A 211 -6.72 -5.65 16.54
CA SER A 211 -5.89 -5.20 17.65
C SER A 211 -5.49 -6.42 18.50
N TYR A 212 -4.54 -6.25 19.40
CA TYR A 212 -4.14 -7.38 20.23
C TYR A 212 -5.30 -7.81 21.12
N GLU A 213 -6.15 -6.86 21.50
CA GLU A 213 -7.30 -7.15 22.34
C GLU A 213 -8.37 -7.91 21.54
N GLU A 214 -8.45 -7.66 20.24
CA GLU A 214 -9.42 -8.35 19.40
C GLU A 214 -8.93 -9.75 19.07
N ILE A 215 -7.62 -9.93 18.99
CA ILE A 215 -7.06 -11.24 18.69
C ILE A 215 -7.24 -12.10 19.93
N ALA A 216 -7.17 -11.47 21.09
CA ALA A 216 -7.32 -12.14 22.38
C ALA A 216 -8.76 -12.57 22.58
N GLU A 217 -9.69 -11.87 21.96
CA GLU A 217 -11.10 -12.23 22.08
C GLU A 217 -11.35 -13.55 21.36
N ALA A 218 -10.87 -13.64 20.13
CA ALA A 218 -11.02 -14.85 19.33
C ALA A 218 -10.27 -16.02 19.96
N MET A 219 -9.23 -15.70 20.72
CA MET A 219 -8.43 -16.73 21.36
C MET A 219 -8.96 -17.02 22.78
N GLY A 220 -9.07 -15.99 23.62
CA GLY A 220 -9.53 -16.12 24.99
C GLY A 220 -10.64 -17.14 25.16
N PRO A 221 -10.93 -17.60 26.38
CA PRO A 221 -10.27 -17.21 27.64
C PRO A 221 -8.85 -17.78 27.73
N GLY A 222 -8.09 -17.29 28.69
CA GLY A 222 -6.72 -17.76 28.86
C GLY A 222 -5.81 -16.80 28.13
N TRP A 223 -6.36 -16.14 27.12
CA TRP A 223 -5.63 -15.18 26.32
C TRP A 223 -6.17 -13.77 26.44
N ASP A 224 -5.27 -12.83 26.66
CA ASP A 224 -5.63 -11.42 26.74
C ASP A 224 -4.66 -10.62 25.87
N ALA A 225 -4.95 -9.35 25.69
CA ALA A 225 -4.10 -8.51 24.86
C ALA A 225 -2.61 -8.72 25.09
N LYS A 226 -2.16 -8.60 26.34
CA LYS A 226 -0.75 -8.76 26.62
C LYS A 226 -0.13 -10.08 26.15
N ARG A 227 -0.83 -11.18 26.42
CA ARG A 227 -0.33 -12.48 26.05
C ARG A 227 -0.16 -12.70 24.56
N VAL A 228 -1.13 -12.26 23.76
CA VAL A 228 -1.01 -12.47 22.32
C VAL A 228 0.19 -11.71 21.76
N GLU A 229 0.32 -10.43 22.13
CA GLU A 229 1.41 -9.61 21.63
C GLU A 229 2.78 -10.18 21.95
N GLU A 230 2.91 -10.68 23.17
CA GLU A 230 4.17 -11.26 23.61
C GLU A 230 4.48 -12.50 22.80
N THR A 231 3.53 -13.43 22.75
CA THR A 231 3.73 -14.66 22.00
C THR A 231 4.02 -14.35 20.54
N LEU A 232 3.36 -13.31 20.01
CA LEU A 232 3.52 -12.92 18.62
C LEU A 232 4.91 -12.38 18.31
N LYS A 233 5.77 -12.31 19.33
CA LYS A 233 7.13 -11.83 19.13
C LYS A 233 8.04 -12.86 18.50
N ILE A 234 7.63 -14.11 18.51
CA ILE A 234 8.43 -15.16 17.90
C ILE A 234 7.71 -15.68 16.65
N ALA A 235 6.72 -14.92 16.20
CA ALA A 235 5.94 -15.27 15.01
C ALA A 235 6.57 -14.67 13.74
N GLN A 236 6.27 -15.27 12.60
CA GLN A 236 6.79 -14.76 11.34
C GLN A 236 6.10 -13.41 11.04
N GLU A 237 4.92 -13.21 11.65
CA GLU A 237 4.16 -11.97 11.52
C GLU A 237 3.94 -11.41 12.92
N PRO A 238 4.97 -10.76 13.46
CA PRO A 238 5.09 -10.12 14.77
C PRO A 238 4.03 -9.15 15.27
N VAL A 239 3.65 -8.21 14.40
CA VAL A 239 2.75 -7.12 14.79
C VAL A 239 1.42 -6.95 14.07
N SER A 240 0.42 -6.47 14.80
CA SER A 240 -0.87 -6.18 14.20
C SER A 240 -1.12 -4.67 14.29
N LEU A 241 -1.12 -4.01 13.13
CA LEU A 241 -1.33 -2.56 12.88
C LEU A 241 -0.47 -1.40 13.51
N SER B 2 -29.16 -9.39 -0.11
CA SER B 2 -30.07 -10.44 -0.68
C SER B 2 -29.66 -10.80 -2.11
N ASP B 3 -30.56 -11.43 -2.86
CA ASP B 3 -30.35 -11.84 -4.26
C ASP B 3 -29.06 -12.63 -4.56
N PRO B 4 -28.48 -12.52 -5.80
CA PRO B 4 -27.25 -13.26 -6.08
C PRO B 4 -26.05 -12.86 -5.20
N VAL B 5 -26.16 -11.73 -4.53
CA VAL B 5 -25.11 -11.26 -3.61
C VAL B 5 -25.02 -12.28 -2.49
N ARG B 6 -26.19 -12.73 -2.05
CA ARG B 6 -26.32 -13.72 -0.98
C ARG B 6 -25.66 -15.04 -1.36
N GLN B 7 -25.72 -15.37 -2.65
CA GLN B 7 -25.13 -16.59 -3.17
C GLN B 7 -23.62 -16.39 -3.30
N TYR B 8 -23.25 -15.17 -3.67
CA TYR B 8 -21.85 -14.81 -3.82
C TYR B 8 -21.21 -14.91 -2.46
N LEU B 9 -21.79 -14.20 -1.48
CA LEU B 9 -21.26 -14.24 -0.15
C LEU B 9 -21.09 -15.66 0.36
N HIS B 10 -21.98 -16.56 -0.08
CA HIS B 10 -21.93 -17.96 0.32
C HIS B 10 -20.75 -18.69 -0.32
N GLU B 11 -20.52 -18.43 -1.59
CA GLU B 11 -19.40 -19.09 -2.24
C GLU B 11 -18.07 -18.67 -1.60
N ILE B 12 -17.74 -17.38 -1.64
CA ILE B 12 -16.47 -16.92 -1.09
C ILE B 12 -16.25 -17.28 0.38
N GLY B 13 -17.33 -17.62 1.07
CA GLY B 13 -17.18 -17.98 2.47
C GLY B 13 -16.46 -19.30 2.62
N GLN B 14 -16.44 -20.08 1.55
CA GLN B 14 -15.79 -21.38 1.59
C GLN B 14 -14.39 -21.45 0.99
N VAL B 15 -13.74 -20.30 0.88
CA VAL B 15 -12.39 -20.22 0.36
C VAL B 15 -11.53 -20.01 1.60
N PRO B 16 -10.54 -20.89 1.81
CA PRO B 16 -9.65 -20.81 2.97
C PRO B 16 -8.69 -19.62 2.90
N LEU B 17 -8.31 -19.10 4.06
CA LEU B 17 -7.37 -17.99 4.11
C LEU B 17 -5.93 -18.45 3.87
N LEU B 18 -5.14 -17.58 3.27
CA LEU B 18 -3.75 -17.88 2.98
C LEU B 18 -2.84 -17.47 4.15
N THR B 19 -1.57 -17.86 4.06
CA THR B 19 -0.60 -17.48 5.08
C THR B 19 0.44 -16.65 4.34
N LEU B 20 1.16 -15.81 5.07
CA LEU B 20 2.18 -14.96 4.46
C LEU B 20 3.03 -15.77 3.50
N GLU B 21 3.41 -16.97 3.96
CA GLU B 21 4.22 -17.82 3.13
C GLU B 21 3.47 -18.14 1.83
N GLU B 22 2.20 -18.48 1.94
CA GLU B 22 1.36 -18.82 0.78
C GLU B 22 1.11 -17.66 -0.19
N GLU B 23 0.76 -16.48 0.34
CA GLU B 23 0.52 -15.32 -0.50
C GLU B 23 1.76 -15.09 -1.32
N ILE B 24 2.88 -14.90 -0.64
CA ILE B 24 4.13 -14.63 -1.32
C ILE B 24 4.48 -15.65 -2.39
N ASP B 25 4.12 -16.90 -2.18
CA ASP B 25 4.41 -17.93 -3.17
C ASP B 25 3.54 -17.83 -4.43
N LEU B 26 2.26 -17.58 -4.22
CA LEU B 26 1.32 -17.41 -5.32
C LEU B 26 1.78 -16.16 -6.08
N ALA B 27 2.17 -15.14 -5.34
CA ALA B 27 2.62 -13.90 -5.93
C ALA B 27 3.83 -14.10 -6.83
N ARG B 28 4.76 -14.95 -6.40
CA ARG B 28 5.97 -15.19 -7.17
C ARG B 28 5.60 -15.90 -8.45
N LYS B 29 4.68 -16.86 -8.36
CA LYS B 29 4.23 -17.56 -9.55
C LYS B 29 3.53 -16.60 -10.53
N VAL B 30 2.76 -15.66 -9.99
CA VAL B 30 2.05 -14.70 -10.81
C VAL B 30 3.04 -13.89 -11.64
N GLU B 31 4.10 -13.40 -11.00
CA GLU B 31 5.11 -12.61 -11.68
C GLU B 31 5.91 -13.41 -12.69
N GLU B 32 6.18 -14.68 -12.37
CA GLU B 32 6.93 -15.53 -13.28
C GLU B 32 6.01 -15.80 -14.48
N GLY B 33 4.71 -15.77 -14.21
CA GLY B 33 3.73 -15.98 -15.26
C GLY B 33 3.70 -14.79 -16.20
N MET B 34 3.76 -13.58 -15.63
CA MET B 34 3.77 -12.36 -16.43
C MET B 34 5.00 -12.41 -17.34
N GLU B 35 6.08 -12.95 -16.77
CA GLU B 35 7.35 -13.11 -17.47
C GLU B 35 7.22 -14.03 -18.66
N ALA B 36 6.52 -15.14 -18.46
CA ALA B 36 6.32 -16.12 -19.52
C ALA B 36 5.49 -15.46 -20.59
N ILE B 37 4.43 -14.78 -20.17
CA ILE B 37 3.56 -14.12 -21.12
C ILE B 37 4.30 -13.11 -21.97
N LYS B 38 5.16 -12.30 -21.34
CA LYS B 38 5.90 -11.31 -22.10
C LYS B 38 6.65 -11.96 -23.25
N LYS B 39 7.13 -13.18 -23.01
CA LYS B 39 7.89 -13.90 -24.03
C LYS B 39 6.98 -14.57 -25.06
N LEU B 40 5.78 -14.94 -24.65
CA LEU B 40 4.84 -15.54 -25.59
C LEU B 40 4.41 -14.44 -26.55
N SER B 41 4.46 -13.20 -26.08
CA SER B 41 4.09 -12.06 -26.90
C SER B 41 5.21 -11.73 -27.89
N GLU B 42 6.44 -12.06 -27.52
CA GLU B 42 7.61 -11.82 -28.38
C GLU B 42 7.55 -12.81 -29.53
N ALA B 43 7.22 -14.07 -29.19
CA ALA B 43 7.11 -15.14 -30.17
C ALA B 43 5.86 -15.00 -31.03
N THR B 44 4.71 -15.39 -30.47
CA THR B 44 3.43 -15.34 -31.16
C THR B 44 3.12 -14.01 -31.89
N GLY B 45 3.53 -12.88 -31.31
CA GLY B 45 3.27 -11.59 -31.92
C GLY B 45 2.00 -10.92 -31.42
N LEU B 46 1.22 -11.66 -30.63
CA LEU B 46 -0.02 -11.16 -30.06
C LEU B 46 0.24 -10.25 -28.86
N ASP B 47 -0.76 -9.46 -28.48
CA ASP B 47 -0.60 -8.54 -27.37
C ASP B 47 -0.61 -9.28 -26.04
N GLN B 48 0.23 -8.81 -25.12
CA GLN B 48 0.36 -9.41 -23.79
C GLN B 48 -0.94 -9.56 -23.02
N GLU B 49 -1.75 -8.52 -23.00
CA GLU B 49 -3.01 -8.58 -22.27
C GLU B 49 -4.01 -9.57 -22.84
N LEU B 50 -4.00 -9.73 -24.15
CA LEU B 50 -4.92 -10.67 -24.78
C LEU B 50 -4.53 -12.08 -24.38
N ILE B 51 -3.23 -12.36 -24.43
CA ILE B 51 -2.72 -13.69 -24.08
C ILE B 51 -3.08 -14.02 -22.63
N ARG B 52 -3.00 -13.02 -21.76
CA ARG B 52 -3.33 -13.24 -20.35
C ARG B 52 -4.82 -13.52 -20.19
N GLU B 53 -5.63 -12.73 -20.89
CA GLU B 53 -7.08 -12.90 -20.82
C GLU B 53 -7.50 -14.27 -21.28
N VAL B 54 -6.90 -14.73 -22.36
CA VAL B 54 -7.21 -16.04 -22.89
C VAL B 54 -6.72 -17.07 -21.87
N VAL B 55 -5.45 -16.96 -21.48
CA VAL B 55 -4.89 -17.89 -20.50
C VAL B 55 -5.81 -17.88 -19.28
N ARG B 56 -6.11 -16.69 -18.77
CA ARG B 56 -6.98 -16.55 -17.61
C ARG B 56 -8.34 -17.20 -17.83
N ALA B 57 -8.90 -17.02 -19.02
CA ALA B 57 -10.19 -17.61 -19.36
C ALA B 57 -10.14 -19.11 -19.10
N LYS B 58 -9.09 -19.73 -19.63
CA LYS B 58 -8.84 -21.16 -19.48
C LYS B 58 -9.01 -21.61 -18.03
N ILE B 59 -8.45 -20.85 -17.11
CA ILE B 59 -8.49 -21.16 -15.69
C ILE B 59 -9.82 -20.94 -14.98
N LEU B 60 -10.54 -19.88 -15.34
CA LEU B 60 -11.82 -19.61 -14.67
C LEU B 60 -12.74 -20.80 -14.73
N GLY B 61 -12.49 -21.70 -15.68
CA GLY B 61 -13.33 -22.89 -15.81
C GLY B 61 -13.08 -23.86 -14.68
N THR B 62 -11.84 -23.96 -14.23
CA THR B 62 -11.43 -24.86 -13.14
C THR B 62 -11.41 -24.17 -11.78
N ALA B 63 -11.33 -22.84 -11.80
CA ALA B 63 -11.30 -22.02 -10.58
C ALA B 63 -12.49 -22.23 -9.64
N ARG B 64 -12.24 -22.09 -8.34
CA ARG B 64 -13.28 -22.26 -7.32
C ARG B 64 -14.44 -21.27 -7.49
N ILE B 65 -14.13 -19.97 -7.54
CA ILE B 65 -15.16 -18.94 -7.73
C ILE B 65 -15.08 -18.42 -9.16
N GLN B 66 -15.92 -19.03 -9.99
CA GLN B 66 -16.04 -18.77 -11.41
C GLN B 66 -16.28 -17.32 -11.85
N LYS B 67 -17.38 -16.76 -11.37
CA LYS B 67 -17.78 -15.40 -11.73
C LYS B 67 -17.64 -14.39 -10.58
N ILE B 68 -16.66 -13.50 -10.68
CA ILE B 68 -16.43 -12.48 -9.65
C ILE B 68 -16.99 -11.14 -10.11
N PRO B 69 -17.98 -10.61 -9.37
CA PRO B 69 -18.58 -9.32 -9.74
C PRO B 69 -17.64 -8.13 -9.90
N GLY B 70 -17.72 -7.48 -11.05
CA GLY B 70 -16.90 -6.32 -11.29
C GLY B 70 -15.68 -6.54 -12.15
N LEU B 71 -15.28 -7.79 -12.34
CA LEU B 71 -14.09 -8.04 -13.14
C LEU B 71 -14.43 -8.23 -14.60
N LYS B 72 -13.47 -7.95 -15.48
CA LYS B 72 -13.66 -8.08 -16.93
C LYS B 72 -14.22 -9.45 -17.30
N GLU B 73 -14.93 -9.50 -18.42
CA GLU B 73 -15.53 -10.74 -18.90
C GLU B 73 -14.55 -11.55 -19.73
N LYS B 74 -14.77 -12.87 -19.80
CA LYS B 74 -13.90 -13.74 -20.60
C LYS B 74 -13.94 -13.28 -22.06
N PRO B 75 -12.76 -13.24 -22.71
CA PRO B 75 -12.62 -12.82 -24.10
C PRO B 75 -13.67 -13.26 -25.12
N ASP B 76 -14.36 -14.36 -24.86
CA ASP B 76 -15.39 -14.90 -25.77
C ASP B 76 -14.86 -16.17 -26.43
N PRO B 77 -15.69 -17.23 -26.46
CA PRO B 77 -15.32 -18.52 -27.05
C PRO B 77 -14.47 -18.43 -28.32
N LYS B 78 -14.84 -17.53 -29.22
CA LYS B 78 -14.13 -17.33 -30.49
C LYS B 78 -12.71 -16.83 -30.26
N THR B 79 -12.57 -15.55 -29.90
CA THR B 79 -11.26 -14.95 -29.67
C THR B 79 -10.43 -15.74 -28.67
N VAL B 80 -11.03 -16.74 -28.03
CA VAL B 80 -10.32 -17.59 -27.08
C VAL B 80 -9.71 -18.77 -27.82
N GLU B 81 -10.56 -19.65 -28.36
CA GLU B 81 -10.10 -20.81 -29.11
C GLU B 81 -9.46 -20.39 -30.43
N GLU B 82 -9.17 -19.11 -30.54
CA GLU B 82 -8.56 -18.55 -31.73
C GLU B 82 -7.13 -18.18 -31.36
N VAL B 83 -6.95 -17.74 -30.11
CA VAL B 83 -5.64 -17.37 -29.60
C VAL B 83 -4.92 -18.62 -29.11
N ASP B 84 -5.69 -19.65 -28.73
CA ASP B 84 -5.11 -20.91 -28.28
C ASP B 84 -4.49 -21.67 -29.42
N GLY B 85 -5.14 -21.59 -30.59
CA GLY B 85 -4.63 -22.27 -31.77
C GLY B 85 -3.28 -21.67 -32.11
N LYS B 86 -3.19 -20.35 -32.04
CA LYS B 86 -1.96 -19.64 -32.33
C LYS B 86 -0.88 -20.05 -31.32
N LEU B 87 -1.29 -20.25 -30.07
CA LEU B 87 -0.36 -20.65 -28.99
C LEU B 87 0.17 -22.07 -29.19
N LYS B 88 -0.71 -23.05 -28.97
CA LYS B 88 -0.40 -24.46 -29.12
C LYS B 88 0.56 -24.73 -30.30
N SER B 89 0.31 -24.04 -31.41
CA SER B 89 1.12 -24.18 -32.62
C SER B 89 2.46 -23.46 -32.53
N LEU B 90 3.27 -23.83 -31.54
CA LEU B 90 4.56 -23.19 -31.36
C LEU B 90 5.60 -24.26 -31.04
N PRO B 91 6.88 -23.98 -31.32
CA PRO B 91 7.97 -24.94 -31.06
C PRO B 91 7.90 -25.57 -29.67
N LYS B 92 8.78 -26.53 -29.42
CA LYS B 92 8.80 -27.19 -28.13
C LYS B 92 9.32 -26.21 -27.09
N GLU B 93 10.36 -25.46 -27.45
CA GLU B 93 10.97 -24.47 -26.56
C GLU B 93 9.92 -23.57 -25.91
N LEU B 94 9.27 -22.75 -26.74
CA LEU B 94 8.26 -21.81 -26.27
C LEU B 94 7.12 -22.45 -25.46
N LYS B 95 6.63 -23.60 -25.92
CA LYS B 95 5.54 -24.26 -25.22
C LYS B 95 5.83 -24.41 -23.72
N ARG B 96 7.09 -24.29 -23.35
CA ARG B 96 7.44 -24.39 -21.95
C ARG B 96 6.79 -23.24 -21.20
N TYR B 97 6.88 -22.04 -21.76
CA TYR B 97 6.30 -20.85 -21.16
C TYR B 97 4.79 -20.94 -20.97
N LEU B 98 4.08 -21.42 -21.99
CA LEU B 98 2.63 -21.55 -21.89
C LEU B 98 2.19 -22.22 -20.59
N HIS B 99 3.07 -23.03 -20.02
CA HIS B 99 2.77 -23.73 -18.76
C HIS B 99 3.06 -22.84 -17.55
N ILE B 100 4.11 -22.02 -17.65
CA ILE B 100 4.48 -21.10 -16.58
C ILE B 100 3.43 -20.01 -16.43
N ALA B 101 2.85 -19.62 -17.57
CA ALA B 101 1.81 -18.60 -17.61
C ALA B 101 0.51 -19.17 -17.06
N ARG B 102 0.19 -20.40 -17.42
CA ARG B 102 -1.02 -21.01 -16.91
C ARG B 102 -0.89 -21.23 -15.41
N GLU B 103 0.32 -21.49 -14.93
CA GLU B 103 0.55 -21.71 -13.51
C GLU B 103 0.33 -20.44 -12.71
N GLY B 104 0.97 -19.37 -13.17
CA GLY B 104 0.86 -18.09 -12.50
C GLY B 104 -0.53 -17.50 -12.58
N GLU B 105 -1.21 -17.71 -13.70
CA GLU B 105 -2.54 -17.17 -13.84
C GLU B 105 -3.54 -17.88 -12.93
N ALA B 106 -3.30 -19.16 -12.64
CA ALA B 106 -4.17 -19.93 -11.75
C ALA B 106 -3.84 -19.48 -10.35
N ALA B 107 -2.56 -19.19 -10.15
CA ALA B 107 -2.04 -18.71 -8.87
C ALA B 107 -2.73 -17.40 -8.56
N ARG B 108 -2.76 -16.52 -9.55
CA ARG B 108 -3.39 -15.20 -9.43
C ARG B 108 -4.84 -15.32 -8.99
N GLN B 109 -5.55 -16.29 -9.54
CA GLN B 109 -6.94 -16.50 -9.18
C GLN B 109 -7.03 -16.98 -7.73
N HIS B 110 -6.06 -17.78 -7.28
CA HIS B 110 -6.08 -18.25 -5.89
C HIS B 110 -5.84 -17.07 -4.93
N LEU B 111 -4.94 -16.18 -5.31
CA LEU B 111 -4.63 -15.01 -4.52
C LEU B 111 -5.86 -14.12 -4.42
N ILE B 112 -6.56 -13.97 -5.54
CA ILE B 112 -7.78 -13.16 -5.59
C ILE B 112 -8.84 -13.80 -4.71
N GLU B 113 -9.20 -15.03 -5.05
CA GLU B 113 -10.21 -15.77 -4.31
C GLU B 113 -10.03 -15.67 -2.80
N ALA B 114 -8.80 -15.88 -2.35
CA ALA B 114 -8.48 -15.87 -0.92
C ALA B 114 -8.65 -14.53 -0.23
N ASN B 115 -9.13 -13.53 -0.97
CA ASN B 115 -9.29 -12.18 -0.43
C ASN B 115 -10.61 -11.51 -0.77
N LEU B 116 -11.58 -12.24 -1.31
CA LEU B 116 -12.87 -11.64 -1.64
C LEU B 116 -13.61 -11.23 -0.36
N ARG B 117 -13.43 -11.99 0.72
CA ARG B 117 -14.08 -11.63 1.97
C ARG B 117 -13.60 -10.27 2.46
N LEU B 118 -12.29 -10.02 2.33
CA LEU B 118 -11.71 -8.74 2.74
C LEU B 118 -12.40 -7.60 1.97
N VAL B 119 -12.65 -7.80 0.68
CA VAL B 119 -13.31 -6.79 -0.14
C VAL B 119 -14.73 -6.50 0.42
N VAL B 120 -15.55 -7.54 0.54
CA VAL B 120 -16.91 -7.39 1.07
C VAL B 120 -16.87 -6.64 2.40
N SER B 121 -15.95 -7.01 3.29
CA SER B 121 -15.83 -6.34 4.59
C SER B 121 -15.54 -4.84 4.42
N ILE B 122 -14.58 -4.50 3.57
CA ILE B 122 -14.24 -3.11 3.33
C ILE B 122 -15.46 -2.40 2.76
N ALA B 123 -16.11 -3.04 1.78
CA ALA B 123 -17.30 -2.47 1.14
C ALA B 123 -18.42 -2.15 2.17
N LYS B 124 -18.55 -2.96 3.22
CA LYS B 124 -19.57 -2.71 4.23
C LYS B 124 -19.31 -1.40 4.95
N LYS B 125 -18.04 -1.02 4.99
CA LYS B 125 -17.66 0.21 5.66
C LYS B 125 -17.82 1.44 4.75
N TYR B 126 -18.33 1.22 3.53
CA TYR B 126 -18.53 2.30 2.56
C TYR B 126 -19.98 2.40 2.08
N THR B 127 -20.91 1.78 2.78
CA THR B 127 -22.31 1.81 2.38
C THR B 127 -23.04 3.10 2.74
N GLY B 128 -24.13 3.35 2.04
CA GLY B 128 -24.93 4.53 2.31
C GLY B 128 -24.22 5.82 1.96
N ARG B 129 -23.32 5.75 0.99
CA ARG B 129 -22.57 6.92 0.57
C ARG B 129 -22.60 7.07 -0.94
N GLY B 130 -23.65 6.54 -1.56
CA GLY B 130 -23.79 6.69 -3.00
C GLY B 130 -23.86 5.44 -3.88
N LEU B 131 -23.40 4.29 -3.39
CA LEU B 131 -23.46 3.08 -4.22
C LEU B 131 -24.04 1.91 -3.46
N SER B 132 -24.67 1.01 -4.20
CA SER B 132 -25.29 -0.18 -3.62
C SER B 132 -24.23 -1.15 -3.13
N PHE B 133 -24.63 -2.10 -2.29
CA PHE B 133 -23.70 -3.06 -1.77
C PHE B 133 -23.05 -3.81 -2.94
N LEU B 134 -23.87 -4.22 -3.89
CA LEU B 134 -23.33 -4.93 -5.05
C LEU B 134 -22.31 -4.06 -5.75
N ASP B 135 -22.66 -2.80 -5.99
CA ASP B 135 -21.80 -1.83 -6.68
C ASP B 135 -20.46 -1.59 -5.97
N LEU B 136 -20.50 -1.48 -4.65
CA LEU B 136 -19.31 -1.29 -3.85
C LEU B 136 -18.42 -2.50 -4.02
N ILE B 137 -19.00 -3.69 -3.85
CA ILE B 137 -18.26 -4.95 -4.00
C ILE B 137 -17.58 -5.04 -5.36
N GLN B 138 -18.27 -4.59 -6.41
CA GLN B 138 -17.70 -4.63 -7.76
C GLN B 138 -16.47 -3.76 -7.95
N GLU B 139 -16.51 -2.54 -7.40
CA GLU B 139 -15.39 -1.65 -7.51
C GLU B 139 -14.29 -2.21 -6.62
N GLY B 140 -14.67 -2.66 -5.43
CA GLY B 140 -13.71 -3.23 -4.51
C GLY B 140 -12.88 -4.32 -5.17
N ASN B 141 -13.54 -5.28 -5.81
CA ASN B 141 -12.82 -6.34 -6.49
C ASN B 141 -11.92 -5.77 -7.60
N GLN B 142 -12.39 -4.77 -8.34
CA GLN B 142 -11.55 -4.21 -9.39
C GLN B 142 -10.27 -3.65 -8.76
N GLY B 143 -10.36 -3.25 -7.50
CA GLY B 143 -9.21 -2.71 -6.80
C GLY B 143 -8.28 -3.80 -6.30
N LEU B 144 -8.88 -4.91 -5.86
CA LEU B 144 -8.16 -6.08 -5.37
C LEU B 144 -7.32 -6.61 -6.54
N ILE B 145 -7.92 -6.58 -7.74
CA ILE B 145 -7.25 -7.03 -8.94
C ILE B 145 -6.06 -6.13 -9.21
N ARG B 146 -6.25 -4.83 -8.99
CA ARG B 146 -5.18 -3.87 -9.19
C ARG B 146 -4.04 -4.09 -8.19
N ALA B 147 -4.41 -4.52 -6.98
CA ALA B 147 -3.42 -4.79 -5.93
C ALA B 147 -2.49 -5.92 -6.36
N VAL B 148 -3.08 -6.99 -6.90
CA VAL B 148 -2.27 -8.11 -7.36
C VAL B 148 -1.32 -7.64 -8.45
N GLU B 149 -1.75 -6.67 -9.25
CA GLU B 149 -0.91 -6.18 -10.34
C GLU B 149 0.22 -5.24 -9.90
N LYS B 150 0.16 -4.73 -8.67
CA LYS B 150 1.18 -3.80 -8.18
C LYS B 150 2.04 -4.39 -7.03
N PHE B 151 1.53 -5.45 -6.41
CA PHE B 151 2.18 -6.14 -5.29
C PHE B 151 3.57 -6.67 -5.64
N GLU B 152 4.49 -6.57 -4.69
CA GLU B 152 5.84 -7.06 -4.90
C GLU B 152 6.12 -8.22 -3.94
N TYR B 153 6.16 -9.44 -4.47
CA TYR B 153 6.38 -10.58 -3.60
C TYR B 153 7.76 -10.58 -2.95
N LYS B 154 8.74 -9.95 -3.58
CA LYS B 154 10.08 -9.91 -3.02
C LYS B 154 10.17 -9.19 -1.68
N ARG B 155 9.23 -8.26 -1.45
CA ARG B 155 9.22 -7.52 -0.20
C ARG B 155 8.84 -8.42 0.96
N ARG B 156 8.29 -9.58 0.63
CA ARG B 156 7.86 -10.58 1.61
C ARG B 156 7.12 -10.02 2.82
N PHE B 157 6.13 -9.17 2.56
CA PHE B 157 5.33 -8.59 3.64
C PHE B 157 3.86 -8.78 3.26
N LYS B 158 2.97 -8.91 4.25
CA LYS B 158 1.53 -9.16 4.03
C LYS B 158 0.83 -8.48 2.85
N PHE B 159 0.26 -9.31 1.98
CA PHE B 159 -0.44 -8.84 0.80
C PHE B 159 -1.81 -8.26 1.15
N SER B 160 -2.50 -8.90 2.07
CA SER B 160 -3.81 -8.42 2.45
C SER B 160 -3.83 -6.95 2.81
N THR B 161 -3.05 -6.56 3.81
CA THR B 161 -3.05 -5.15 4.21
C THR B 161 -2.56 -4.20 3.10
N TYR B 162 -1.80 -4.70 2.13
CA TYR B 162 -1.33 -3.85 1.02
C TYR B 162 -2.51 -3.58 0.11
N ALA B 163 -3.22 -4.65 -0.23
CA ALA B 163 -4.39 -4.60 -1.08
C ALA B 163 -5.53 -3.76 -0.50
N THR B 164 -5.67 -3.79 0.83
CA THR B 164 -6.73 -3.03 1.46
C THR B 164 -6.79 -1.60 0.91
N TRP B 165 -5.61 -0.99 0.75
CA TRP B 165 -5.49 0.37 0.24
C TRP B 165 -6.03 0.50 -1.18
N TRP B 166 -5.63 -0.41 -2.06
CA TRP B 166 -6.08 -0.38 -3.45
C TRP B 166 -7.57 -0.67 -3.60
N ILE B 167 -8.08 -1.58 -2.76
CA ILE B 167 -9.49 -1.94 -2.78
C ILE B 167 -10.25 -0.67 -2.39
N ARG B 168 -9.84 -0.07 -1.28
CA ARG B 168 -10.45 1.16 -0.80
C ARG B 168 -10.33 2.31 -1.78
N GLN B 169 -9.21 2.42 -2.49
CA GLN B 169 -9.09 3.55 -3.40
C GLN B 169 -10.05 3.40 -4.55
N ALA B 170 -10.25 2.17 -5.02
CA ALA B 170 -11.18 1.91 -6.13
C ALA B 170 -12.60 2.33 -5.71
N ILE B 171 -13.03 1.91 -4.51
CA ILE B 171 -14.36 2.24 -3.98
C ILE B 171 -14.49 3.75 -3.75
N ASN B 172 -13.51 4.31 -3.05
CA ASN B 172 -13.48 5.74 -2.71
C ASN B 172 -13.68 6.58 -3.95
N ARG B 173 -13.03 6.17 -5.04
CA ARG B 173 -13.13 6.88 -6.30
C ARG B 173 -14.53 6.82 -6.88
N ALA B 174 -15.14 5.64 -6.81
CA ALA B 174 -16.48 5.40 -7.35
C ALA B 174 -17.51 6.31 -6.71
N ILE B 175 -17.45 6.46 -5.40
CA ILE B 175 -18.41 7.29 -4.71
C ILE B 175 -18.07 8.75 -4.84
N ALA B 176 -16.79 9.06 -4.96
CA ALA B 176 -16.36 10.44 -5.07
C ALA B 176 -16.53 10.89 -6.49
N ASP B 177 -17.14 10.05 -7.32
CA ASP B 177 -17.33 10.40 -8.70
C ASP B 177 -18.71 10.97 -8.95
N GLN B 178 -19.69 10.50 -8.19
CA GLN B 178 -21.06 10.99 -8.31
C GLN B 178 -21.25 12.07 -7.26
N ALA B 179 -20.95 13.31 -7.62
CA ALA B 179 -21.09 14.42 -6.68
C ALA B 179 -21.19 15.75 -7.40
N ARG B 180 -22.00 16.65 -6.86
CA ARG B 180 -22.18 17.97 -7.45
C ARG B 180 -21.61 19.03 -6.50
N THR B 181 -21.69 20.29 -6.93
CA THR B 181 -21.22 21.40 -6.13
C THR B 181 -22.43 22.08 -5.50
N ILE B 182 -22.33 22.40 -4.22
CA ILE B 182 -23.41 23.07 -3.51
C ILE B 182 -22.79 24.22 -2.76
N ARG B 183 -23.62 25.12 -2.25
CA ARG B 183 -23.14 26.23 -1.45
C ARG B 183 -23.40 25.70 -0.07
N ILE B 184 -22.38 25.70 0.77
CA ILE B 184 -22.53 25.21 2.13
C ILE B 184 -22.04 26.24 3.13
N PRO B 185 -22.78 26.40 4.24
CA PRO B 185 -22.35 27.38 5.25
C PRO B 185 -20.91 27.10 5.71
N VAL B 186 -20.18 28.16 6.01
CA VAL B 186 -18.78 28.07 6.43
C VAL B 186 -18.51 27.26 7.71
N HIS B 187 -19.40 27.32 8.69
CA HIS B 187 -19.19 26.55 9.92
C HIS B 187 -19.11 25.07 9.61
N MET B 188 -19.82 24.64 8.57
CA MET B 188 -19.80 23.24 8.17
C MET B 188 -18.48 22.95 7.50
N VAL B 189 -18.12 23.75 6.49
CA VAL B 189 -16.86 23.59 5.78
C VAL B 189 -15.68 23.64 6.75
N GLU B 190 -15.87 24.33 7.88
CA GLU B 190 -14.81 24.42 8.86
C GLU B 190 -14.73 23.14 9.69
N THR B 191 -15.89 22.61 10.10
CA THR B 191 -15.89 21.40 10.91
C THR B 191 -15.53 20.17 10.05
N ILE B 192 -15.91 20.19 8.77
CA ILE B 192 -15.58 19.09 7.90
C ILE B 192 -14.07 19.00 7.83
N ASN B 193 -13.41 20.16 7.86
CA ASN B 193 -11.95 20.18 7.79
C ASN B 193 -11.33 19.83 9.11
N LYS B 194 -11.95 20.29 10.19
CA LYS B 194 -11.40 19.99 11.50
C LYS B 194 -11.45 18.49 11.68
N LEU B 195 -12.55 17.90 11.21
CA LEU B 195 -12.76 16.46 11.31
C LEU B 195 -11.59 15.78 10.62
N SER B 196 -11.40 16.10 9.35
CA SER B 196 -10.32 15.53 8.57
C SER B 196 -8.92 15.67 9.18
N ARG B 197 -8.58 16.86 9.69
CA ARG B 197 -7.26 17.08 10.29
C ARG B 197 -7.12 16.24 11.54
N THR B 198 -8.21 16.15 12.29
CA THR B 198 -8.20 15.34 13.50
C THR B 198 -7.84 13.91 13.15
N ALA B 199 -8.57 13.35 12.18
CA ALA B 199 -8.35 11.98 11.71
C ALA B 199 -6.89 11.79 11.33
N ARG B 200 -6.36 12.70 10.51
CA ARG B 200 -4.99 12.61 10.08
C ARG B 200 -3.96 12.77 11.19
N GLN B 201 -4.29 13.58 12.19
CA GLN B 201 -3.39 13.78 13.32
C GLN B 201 -3.32 12.47 14.09
N LEU B 202 -4.48 11.93 14.46
CA LEU B 202 -4.52 10.66 15.18
C LEU B 202 -3.71 9.59 14.41
N GLN B 203 -3.81 9.57 13.09
CA GLN B 203 -3.09 8.58 12.32
C GLN B 203 -1.59 8.74 12.51
N GLN B 204 -1.09 9.97 12.50
CA GLN B 204 0.34 10.20 12.68
C GLN B 204 0.76 9.75 14.07
N GLU B 205 -0.20 9.66 14.98
CA GLU B 205 0.10 9.24 16.35
C GLU B 205 -0.16 7.76 16.60
N LEU B 206 -1.10 7.17 15.86
CA LEU B 206 -1.46 5.77 16.03
C LEU B 206 -0.75 4.76 15.16
N GLY B 207 -0.32 5.17 13.97
CA GLY B 207 0.33 4.23 13.08
C GLY B 207 -0.71 3.42 12.31
N ARG B 208 -1.92 3.96 12.27
CA ARG B 208 -3.04 3.34 11.59
C ARG B 208 -4.14 4.39 11.57
N GLU B 209 -5.19 4.16 10.78
CA GLU B 209 -6.29 5.12 10.77
C GLU B 209 -7.12 4.97 12.05
N PRO B 210 -7.53 6.08 12.67
CA PRO B 210 -8.32 6.07 13.90
C PRO B 210 -9.75 5.59 13.68
N SER B 211 -10.40 5.09 14.72
CA SER B 211 -11.79 4.66 14.59
C SER B 211 -12.68 5.88 14.77
N TYR B 212 -13.94 5.80 14.36
CA TYR B 212 -14.82 6.95 14.53
C TYR B 212 -14.90 7.29 16.03
N GLU B 213 -14.93 6.27 16.86
CA GLU B 213 -14.95 6.45 18.30
C GLU B 213 -13.75 7.30 18.76
N GLU B 214 -12.57 7.02 18.21
CA GLU B 214 -11.36 7.76 18.55
C GLU B 214 -11.36 9.20 18.04
N ILE B 215 -11.91 9.40 16.84
CA ILE B 215 -11.98 10.75 16.27
C ILE B 215 -12.94 11.56 17.12
N ALA B 216 -13.98 10.90 17.62
CA ALA B 216 -14.98 11.54 18.45
C ALA B 216 -14.37 11.99 19.78
N GLU B 217 -13.42 11.19 20.27
CA GLU B 217 -12.74 11.53 21.52
C GLU B 217 -11.95 12.83 21.32
N ALA B 218 -11.27 12.93 20.19
CA ALA B 218 -10.47 14.12 19.89
C ALA B 218 -11.33 15.36 19.74
N MET B 219 -12.47 15.24 19.09
CA MET B 219 -13.37 16.38 18.96
C MET B 219 -14.05 16.30 20.33
N GLY B 220 -15.39 16.27 20.35
CA GLY B 220 -16.13 16.16 21.59
C GLY B 220 -15.69 17.13 22.66
N PRO B 221 -16.54 17.44 23.65
CA PRO B 221 -17.90 16.94 23.80
C PRO B 221 -18.76 17.43 22.66
N GLY B 222 -19.94 16.83 22.51
CA GLY B 222 -20.80 17.23 21.42
C GLY B 222 -20.55 16.35 20.22
N TRP B 223 -19.55 15.48 20.35
CA TRP B 223 -19.21 14.57 19.28
C TRP B 223 -19.09 13.13 19.76
N ASP B 224 -19.80 12.24 19.06
CA ASP B 224 -19.82 10.81 19.33
C ASP B 224 -19.48 10.10 18.01
N ALA B 225 -19.16 8.81 18.09
CA ALA B 225 -18.79 8.04 16.91
C ALA B 225 -19.77 8.19 15.76
N LYS B 226 -21.04 8.22 16.10
CA LYS B 226 -22.07 8.34 15.08
C LYS B 226 -21.99 9.65 14.33
N ARG B 227 -21.86 10.73 15.06
CA ARG B 227 -21.84 12.04 14.45
C ARG B 227 -20.64 12.34 13.57
N VAL B 228 -19.46 11.82 13.92
CA VAL B 228 -18.30 12.12 13.09
C VAL B 228 -18.44 11.32 11.79
N GLU B 229 -19.10 10.18 11.88
CA GLU B 229 -19.27 9.34 10.71
C GLU B 229 -20.30 9.92 9.76
N GLU B 230 -21.44 10.35 10.29
CA GLU B 230 -22.47 10.91 9.43
C GLU B 230 -21.99 12.15 8.74
N THR B 231 -21.28 13.00 9.48
CA THR B 231 -20.76 14.26 8.97
C THR B 231 -19.65 13.98 7.97
N LEU B 232 -18.78 13.04 8.31
CA LEU B 232 -17.68 12.70 7.43
C LEU B 232 -18.18 12.23 6.04
N LYS B 233 -19.48 11.97 5.92
CA LYS B 233 -20.05 11.52 4.64
C LYS B 233 -20.02 12.58 3.55
N ILE B 234 -19.88 13.84 3.93
CA ILE B 234 -19.83 14.90 2.92
C ILE B 234 -18.41 15.38 2.75
N ALA B 235 -17.49 14.71 3.44
CA ALA B 235 -16.07 15.05 3.39
C ALA B 235 -15.38 14.43 2.15
N GLN B 236 -14.20 14.94 1.83
CA GLN B 236 -13.42 14.43 0.70
C GLN B 236 -12.71 13.15 1.17
N GLU B 237 -12.74 12.92 2.48
CA GLU B 237 -12.14 11.73 3.09
C GLU B 237 -13.20 11.23 4.07
N PRO B 238 -14.25 10.62 3.50
CA PRO B 238 -15.45 10.03 4.11
C PRO B 238 -15.29 8.93 5.15
N VAL B 239 -14.39 8.00 4.88
CA VAL B 239 -14.21 6.84 5.74
C VAL B 239 -12.89 6.72 6.48
N SER B 240 -12.95 6.05 7.63
CA SER B 240 -11.77 5.79 8.44
C SER B 240 -11.60 4.28 8.67
N LEU B 241 -10.61 3.70 7.98
CA LEU B 241 -10.23 2.28 8.05
C LEU B 241 -11.15 1.22 7.39
S SO4 C . 15.27 -0.37 -3.20
O1 SO4 C . 16.53 0.32 -2.82
O2 SO4 C . 15.29 -1.75 -2.67
O3 SO4 C . 14.12 0.37 -2.64
O4 SO4 C . 15.15 -0.41 -4.68
S SO4 D . -5.35 0.87 -14.70
O1 SO4 D . -4.15 1.65 -15.06
O2 SO4 D . -5.02 -0.06 -13.60
O3 SO4 D . -6.42 1.79 -14.27
O4 SO4 D . -5.82 0.11 -15.88
#